data_4A68
#
_entry.id   4A68
#
_cell.length_a   101.548
_cell.length_b   101.548
_cell.length_c   136.717
_cell.angle_alpha   90.00
_cell.angle_beta   90.00
_cell.angle_gamma   120.00
#
_symmetry.space_group_name_H-M   'P 31 2 1'
#
loop_
_entity.id
_entity.type
_entity.pdbx_description
1 polymer 'SPORE COAT PROTEIN A'
2 non-polymer 'COPPER (II) ION'
3 non-polymer 'HYDROXIDE ION'
4 non-polymer 'PEROXIDE ION'
5 non-polymer '4-(2-HYDROXYETHYL)-1-PIPERAZINE ETHANESULFONIC ACID'
6 non-polymer (4S)-2-METHYL-2,4-PENTANEDIOL
7 water water
#
_entity_poly.entity_id   1
_entity_poly.type   'polypeptide(L)'
_entity_poly.pdbx_seq_one_letter_code
;MTLEKFVDALPIPDTLKPVQQSKEKTYYEVTMEECTHQLHRDLPPTRLWGYNGLFPGPTIEVKRNENVYVKWMNNLPSTH
FLPIDHTIHHSDSQHEEPEVKTVVHLHGGVTPDDSNGYPEAWFSKDFEQTGPYFKREVYHYPNQQRGAILWYHDHAMALT
RLNVYAGLVGAYIIHDPKEKRLKLPSDEYDVPLLITDRTINEDGSLFYPSAPENPSPSLPNPSIVPAFCGETILVNGKVW
PYLEVEPRKYRFRVINASNTRTYNLSLDNGGDFIQIGSDGGLLPRSVKLNSFSLAPAERYDIIIDFTAYEGESIILANSA
GCGGDVNPETDANIMQFRVTKPLAQKDESRKPKYLASYPSVQHERIQNIRTLKLAGTQDEYGRPVLLLNNKRWHDPVTET
PKVGTTEIWSIINPTRGTHPIHLHLVSFRVLDRRPFDIARYQESGELSYTGPAVPPPPSEKGWKDTIQAHAGEVLRIAAT
FGPYSGRYVWHCHILEHEDYDMMRPMDITDPHK
;
_entity_poly.pdbx_strand_id   A
#
loop_
_chem_comp.id
_chem_comp.type
_chem_comp.name
_chem_comp.formula
CU non-polymer 'COPPER (II) ION' 'Cu 2'
EPE non-polymer '4-(2-HYDROXYETHYL)-1-PIPERAZINE ETHANESULFONIC ACID' 'C8 H18 N2 O4 S'
MPD non-polymer (4S)-2-METHYL-2,4-PENTANEDIOL 'C6 H14 O2'
OH non-polymer 'HYDROXIDE ION' 'H O -1'
PER non-polymer 'PEROXIDE ION' 'O2 -2'
#
# COMPACT_ATOMS: atom_id res chain seq x y z
N THR A 2 -2.01 -16.82 22.86
CA THR A 2 -1.74 -15.67 21.97
C THR A 2 -2.06 -14.38 22.72
N LEU A 3 -1.61 -13.24 22.18
CA LEU A 3 -1.75 -11.94 22.85
C LEU A 3 -3.20 -11.50 23.04
N GLU A 4 -3.51 -11.05 24.26
CA GLU A 4 -4.86 -10.65 24.58
C GLU A 4 -5.32 -9.44 23.73
N LYS A 5 -6.43 -9.62 23.02
CA LYS A 5 -6.95 -8.59 22.10
C LYS A 5 -7.50 -7.37 22.81
N PHE A 6 -7.28 -6.19 22.21
CA PHE A 6 -7.98 -4.98 22.61
C PHE A 6 -7.66 -4.51 24.05
N VAL A 7 -6.37 -4.47 24.39
CA VAL A 7 -5.92 -3.96 25.70
C VAL A 7 -5.08 -2.69 25.61
N ASP A 8 -4.68 -2.32 24.39
CA ASP A 8 -3.88 -1.14 24.15
C ASP A 8 -4.68 -0.17 23.31
N ALA A 9 -4.64 1.11 23.65
CA ALA A 9 -5.26 2.16 22.84
C ALA A 9 -4.54 2.34 21.50
N LEU A 10 -5.31 2.56 20.45
CA LEU A 10 -4.77 2.90 19.13
C LEU A 10 -3.92 4.16 19.16
N PRO A 11 -2.63 4.03 18.77
CA PRO A 11 -1.82 5.23 18.60
C PRO A 11 -2.31 6.00 17.40
N ILE A 12 -2.27 7.33 17.52
CA ILE A 12 -2.53 8.23 16.40
C ILE A 12 -1.16 8.83 16.04
N PRO A 13 -0.58 8.47 14.89
CA PRO A 13 0.77 9.02 14.67
C PRO A 13 0.69 10.57 14.68
N ASP A 14 1.67 11.24 15.29
CA ASP A 14 1.66 12.72 15.24
C ASP A 14 1.87 13.19 13.81
N THR A 15 1.39 14.39 13.53
CA THR A 15 1.62 15.00 12.23
C THR A 15 3.00 15.65 12.24
N LEU A 16 3.76 15.37 11.19
CA LEU A 16 5.13 15.88 11.10
C LEU A 16 5.10 17.41 10.93
N LYS A 17 5.97 18.08 11.67
CA LYS A 17 6.12 19.53 11.54
C LYS A 17 7.28 19.86 10.61
N PRO A 18 7.11 20.88 9.74
CA PRO A 18 8.20 21.25 8.82
C PRO A 18 9.45 21.76 9.57
N VAL A 19 10.63 21.52 9.00
CA VAL A 19 11.87 22.16 9.47
C VAL A 19 11.85 23.63 9.05
N GLN A 20 11.31 23.89 7.86
CA GLN A 20 11.17 25.25 7.34
C GLN A 20 9.91 25.34 6.49
N GLN A 21 9.22 26.47 6.56
CA GLN A 21 8.03 26.66 5.77
C GLN A 21 7.85 28.13 5.40
N SER A 22 7.63 28.36 4.11
CA SER A 22 7.28 29.66 3.58
C SER A 22 6.10 29.43 2.65
N LYS A 23 5.57 30.50 2.08
CA LYS A 23 4.52 30.43 1.08
C LYS A 23 5.00 29.65 -0.17
N GLU A 24 6.32 29.71 -0.45
CA GLU A 24 6.90 29.13 -1.64
C GLU A 24 7.23 27.66 -1.47
N LYS A 25 7.58 27.24 -0.27
CA LYS A 25 8.25 25.97 -0.08
C LYS A 25 8.06 25.42 1.34
N THR A 26 7.77 24.12 1.44
CA THR A 26 7.72 23.43 2.72
C THR A 26 8.82 22.37 2.77
N TYR A 27 9.64 22.43 3.82
CA TYR A 27 10.79 21.53 3.95
C TYR A 27 10.72 20.63 5.18
N TYR A 28 10.79 19.31 4.94
CA TYR A 28 10.78 18.32 6.03
C TYR A 28 12.06 17.50 6.02
N GLU A 29 12.45 17.00 7.20
CA GLU A 29 13.55 16.08 7.34
C GLU A 29 13.06 14.84 8.08
N VAL A 30 13.37 13.66 7.55
CA VAL A 30 12.97 12.42 8.20
C VAL A 30 14.18 11.50 8.20
N THR A 31 14.57 11.05 9.38
CA THR A 31 15.72 10.14 9.48
C THR A 31 15.26 8.75 9.88
N MET A 32 15.73 7.74 9.15
CA MET A 32 15.46 6.36 9.51
C MET A 32 16.37 5.95 10.64
N GLU A 33 15.76 5.47 11.73
CA GLU A 33 16.51 5.08 12.93
C GLU A 33 16.05 3.73 13.44
N GLU A 34 17.01 2.94 13.93
CA GLU A 34 16.64 1.73 14.68
C GLU A 34 16.13 2.22 16.03
N CYS A 35 14.98 1.70 16.46
CA CYS A 35 14.32 2.20 17.66
C CYS A 35 13.68 1.04 18.40
N THR A 36 13.19 1.29 19.58
CA THR A 36 12.39 0.35 20.36
C THR A 36 11.11 0.70 20.59
N HIS A 37 10.12 -0.16 20.43
CA HIS A 37 8.72 0.22 20.65
C HIS A 37 7.91 -0.92 21.24
N GLN A 38 6.96 -0.61 22.10
CA GLN A 38 6.15 -1.69 22.64
C GLN A 38 4.95 -1.94 21.75
N LEU A 39 4.84 -3.16 21.23
CA LEU A 39 3.78 -3.47 20.28
C LEU A 39 2.49 -3.91 20.96
N HIS A 40 2.60 -4.30 22.23
CA HIS A 40 1.45 -4.81 22.98
C HIS A 40 1.79 -4.72 24.47
N ARG A 41 0.76 -4.50 25.29
CA ARG A 41 0.86 -4.42 26.75
C ARG A 41 1.73 -5.54 27.32
N ASP A 42 1.58 -6.75 26.81
CA ASP A 42 2.20 -7.88 27.47
C ASP A 42 3.55 -8.30 26.85
N LEU A 43 4.15 -7.44 26.06
CA LEU A 43 5.39 -7.79 25.39
C LEU A 43 6.55 -6.92 25.82
N PRO A 44 7.76 -7.51 25.88
CA PRO A 44 8.96 -6.67 25.99
C PRO A 44 9.04 -5.78 24.74
N PRO A 45 9.68 -4.61 24.85
CA PRO A 45 9.80 -3.67 23.72
C PRO A 45 10.46 -4.33 22.48
N THR A 46 10.05 -3.93 21.28
CA THR A 46 10.48 -4.57 20.02
C THR A 46 11.47 -3.66 19.33
N ARG A 47 12.58 -4.22 18.87
CA ARG A 47 13.53 -3.49 18.03
C ARG A 47 12.99 -3.37 16.59
N LEU A 48 12.93 -2.14 16.08
CA LEU A 48 12.27 -1.86 14.79
C LEU A 48 13.07 -0.80 14.09
N TRP A 49 12.78 -0.62 12.80
CA TRP A 49 13.28 0.51 12.01
C TRP A 49 12.14 1.50 11.77
N GLY A 50 12.36 2.77 12.10
CA GLY A 50 11.27 3.72 11.99
C GLY A 50 11.70 5.03 11.40
N TYR A 51 10.84 5.61 10.57
CA TYR A 51 10.99 7.00 10.12
C TYR A 51 10.92 7.93 11.32
N ASN A 52 11.96 8.73 11.50
CA ASN A 52 12.15 9.52 12.75
C ASN A 52 12.05 8.66 14.02
N GLY A 53 12.46 7.41 13.93
CA GLY A 53 12.43 6.48 15.07
C GLY A 53 11.01 6.12 15.54
N LEU A 54 10.02 6.27 14.64
CA LEU A 54 8.61 6.03 14.97
C LEU A 54 8.03 4.92 14.10
N PHE A 55 7.14 4.11 14.67
CA PHE A 55 6.45 3.06 13.92
C PHE A 55 4.94 3.10 14.22
N PRO A 56 4.11 3.47 13.24
CA PRO A 56 4.45 3.96 11.88
C PRO A 56 5.18 5.28 11.92
N GLY A 57 5.68 5.73 10.77
CA GLY A 57 6.36 7.00 10.71
C GLY A 57 5.37 8.11 10.95
N PRO A 58 5.86 9.33 11.11
CA PRO A 58 4.89 10.43 11.30
C PRO A 58 3.98 10.60 10.07
N THR A 59 2.75 11.04 10.33
CA THR A 59 1.82 11.33 9.25
C THR A 59 2.21 12.69 8.70
N ILE A 60 2.33 12.74 7.37
CA ILE A 60 2.65 14.00 6.72
C ILE A 60 1.38 14.51 6.09
N GLU A 61 1.04 15.77 6.36
CA GLU A 61 -0.15 16.37 5.79
C GLU A 61 0.23 17.60 4.96
N VAL A 62 -0.24 17.62 3.70
CA VAL A 62 0.07 18.69 2.76
C VAL A 62 -1.21 19.12 2.06
N LYS A 63 -1.19 20.30 1.44
CA LYS A 63 -2.29 20.72 0.57
C LYS A 63 -1.98 20.40 -0.87
N ARG A 64 -3.04 20.25 -1.67
CA ARG A 64 -2.85 20.13 -3.10
C ARG A 64 -2.03 21.34 -3.61
N ASN A 65 -1.03 21.10 -4.45
CA ASN A 65 -0.16 22.15 -5.00
C ASN A 65 0.82 22.74 -3.99
N GLU A 66 0.84 22.26 -2.75
CA GLU A 66 1.87 22.68 -1.81
C GLU A 66 3.21 22.14 -2.31
N ASN A 67 4.15 23.05 -2.37
CA ASN A 67 5.46 22.73 -2.91
C ASN A 67 6.33 22.13 -1.79
N VAL A 68 6.34 20.79 -1.70
CA VAL A 68 6.98 20.11 -0.58
C VAL A 68 8.33 19.46 -0.94
N TYR A 69 9.29 19.54 -0.01
CA TYR A 69 10.55 18.82 -0.11
C TYR A 69 10.74 18.02 1.16
N VAL A 70 11.19 16.77 1.00
CA VAL A 70 11.52 15.93 2.13
C VAL A 70 12.92 15.36 1.95
N LYS A 71 13.81 15.66 2.89
CA LYS A 71 15.11 14.99 2.94
C LYS A 71 14.98 13.70 3.76
N TRP A 72 14.95 12.56 3.09
CA TRP A 72 14.88 11.26 3.74
C TRP A 72 16.32 10.75 3.95
N MET A 73 16.69 10.48 5.19
CA MET A 73 18.06 10.14 5.52
C MET A 73 18.11 8.77 6.15
N ASN A 74 19.16 8.03 5.79
CA ASN A 74 19.42 6.73 6.38
C ASN A 74 20.42 6.91 7.55
N ASN A 75 19.97 6.67 8.78
CA ASN A 75 20.83 6.60 9.96
C ASN A 75 20.64 5.27 10.68
N LEU A 76 20.41 4.24 9.88
CA LEU A 76 20.20 2.87 10.36
C LEU A 76 21.56 2.18 10.58
N PRO A 77 21.58 1.09 11.35
CA PRO A 77 22.75 0.23 11.50
C PRO A 77 23.21 -0.19 10.13
N SER A 78 24.48 -0.59 10.03
CA SER A 78 25.06 -0.99 8.74
C SER A 78 24.77 -2.47 8.45
N THR A 79 24.15 -3.17 9.40
CA THR A 79 23.69 -4.54 9.16
C THR A 79 22.20 -4.66 9.47
N HIS A 80 21.52 -5.54 8.73
CA HIS A 80 20.10 -5.74 8.87
C HIS A 80 19.83 -6.66 10.07
N PHE A 81 18.62 -6.63 10.62
CA PHE A 81 18.28 -7.63 11.65
C PHE A 81 17.36 -8.73 11.11
N LEU A 82 16.92 -8.61 9.86
CA LEU A 82 16.01 -9.58 9.28
C LEU A 82 16.84 -10.36 8.26
N PRO A 83 16.46 -11.58 7.96
CA PRO A 83 17.26 -12.44 7.12
C PRO A 83 17.37 -12.03 5.64
N ILE A 84 18.55 -11.70 5.19
CA ILE A 84 18.75 -11.31 3.79
C ILE A 84 19.12 -12.54 2.97
N ASP A 85 18.41 -12.77 1.87
CA ASP A 85 18.80 -13.82 0.92
C ASP A 85 19.64 -13.22 -0.20
N HIS A 86 20.94 -13.53 -0.23
CA HIS A 86 21.79 -12.98 -1.27
C HIS A 86 21.66 -13.64 -2.65
N THR A 87 21.00 -14.78 -2.75
CA THR A 87 20.89 -15.43 -4.04
C THR A 87 19.92 -14.75 -5.00
N ILE A 88 19.06 -13.84 -4.50
CA ILE A 88 18.02 -13.24 -5.35
C ILE A 88 18.45 -12.03 -6.19
N HIS A 89 19.58 -11.42 -5.84
CA HIS A 89 20.04 -10.24 -6.58
C HIS A 89 21.50 -10.36 -6.93
N GLU A 97 28.95 -3.69 -2.46
CA GLU A 97 27.68 -2.99 -2.11
C GLU A 97 27.27 -3.14 -0.64
N PRO A 98 26.82 -2.04 -0.01
CA PRO A 98 26.43 -2.10 1.40
C PRO A 98 25.22 -3.02 1.63
N GLU A 99 25.16 -3.63 2.80
CA GLU A 99 24.10 -4.54 3.13
C GLU A 99 22.73 -3.82 3.29
N VAL A 100 22.74 -2.66 3.94
CA VAL A 100 21.52 -1.88 4.24
C VAL A 100 21.39 -0.74 3.25
N LYS A 101 20.45 -0.90 2.31
CA LYS A 101 20.18 0.08 1.29
C LYS A 101 18.73 0.50 1.50
N THR A 102 18.43 1.78 1.34
CA THR A 102 17.08 2.33 1.56
C THR A 102 16.79 3.36 0.51
N VAL A 103 15.50 3.49 0.21
CA VAL A 103 15.00 4.60 -0.58
C VAL A 103 13.51 4.77 -0.27
N VAL A 104 13.04 6.00 -0.19
CA VAL A 104 11.65 6.22 0.20
C VAL A 104 10.76 6.50 -1.00
N HIS A 105 9.72 5.68 -1.15
CA HIS A 105 8.77 5.90 -2.24
C HIS A 105 7.49 6.49 -1.65
N LEU A 106 7.07 7.64 -2.16
CA LEU A 106 5.73 8.19 -1.88
C LEU A 106 4.72 7.51 -2.79
N HIS A 107 4.05 6.48 -2.26
CA HIS A 107 3.10 5.66 -3.02
C HIS A 107 1.88 6.49 -3.46
N GLY A 108 1.66 6.56 -4.77
CA GLY A 108 0.59 7.40 -5.32
C GLY A 108 1.05 8.83 -5.60
N GLY A 109 2.29 9.13 -5.21
CA GLY A 109 2.81 10.47 -5.38
C GLY A 109 3.04 10.78 -6.84
N VAL A 110 2.57 11.95 -7.27
CA VAL A 110 2.83 12.44 -8.65
C VAL A 110 4.13 13.24 -8.52
N THR A 111 5.25 12.55 -8.75
CA THR A 111 6.55 13.15 -8.49
C THR A 111 7.44 13.07 -9.72
N PRO A 112 8.40 14.01 -9.83
CA PRO A 112 9.47 13.76 -10.84
C PRO A 112 10.12 12.39 -10.58
N ASP A 113 10.68 11.78 -11.61
CA ASP A 113 11.20 10.43 -11.48
C ASP A 113 12.31 10.28 -10.44
N ASP A 114 13.16 11.29 -10.30
CA ASP A 114 14.27 11.17 -9.34
C ASP A 114 13.87 11.45 -7.89
N SER A 115 12.61 11.84 -7.69
CA SER A 115 12.05 11.93 -6.35
C SER A 115 11.00 10.83 -6.11
N ASN A 116 10.90 9.87 -7.02
CA ASN A 116 9.85 8.86 -6.90
C ASN A 116 10.23 7.68 -6.00
N GLY A 117 11.53 7.51 -5.73
CA GLY A 117 12.03 6.39 -4.93
C GLY A 117 12.21 5.11 -5.71
N TYR A 118 12.91 5.22 -6.83
CA TYR A 118 13.26 4.11 -7.72
C TYR A 118 14.08 3.09 -6.95
N PRO A 119 13.82 1.77 -7.17
CA PRO A 119 14.46 0.73 -6.36
C PRO A 119 15.99 0.81 -6.46
N GLU A 120 16.50 1.29 -7.59
CA GLU A 120 17.96 1.45 -7.76
C GLU A 120 18.47 2.86 -7.48
N ALA A 121 17.64 3.71 -6.87
CA ALA A 121 18.09 5.02 -6.36
C ALA A 121 18.34 4.97 -4.87
N TRP A 122 18.66 3.79 -4.35
CA TRP A 122 18.92 3.56 -2.94
C TRP A 122 20.19 4.27 -2.43
N PHE A 123 20.31 4.34 -1.11
CA PHE A 123 21.46 4.96 -0.44
C PHE A 123 21.68 4.24 0.88
N SER A 124 22.94 4.12 1.25
CA SER A 124 23.30 3.58 2.53
C SER A 124 23.37 4.75 3.52
N LYS A 125 23.68 4.44 4.77
CA LYS A 125 23.84 5.46 5.81
C LYS A 125 24.64 6.68 5.36
N ASP A 126 24.11 7.86 5.70
CA ASP A 126 24.66 9.18 5.36
C ASP A 126 24.90 9.37 3.85
N PHE A 127 24.17 8.64 3.00
CA PHE A 127 24.37 8.64 1.54
C PHE A 127 25.82 8.26 1.14
N GLU A 128 26.49 7.50 2.00
CA GLU A 128 27.87 7.14 1.69
C GLU A 128 27.99 6.45 0.35
N GLN A 129 27.15 5.44 0.11
CA GLN A 129 27.05 4.79 -1.19
C GLN A 129 25.62 4.91 -1.74
N THR A 130 25.51 5.05 -3.06
CA THR A 130 24.21 5.27 -3.69
C THR A 130 24.09 4.38 -4.91
N GLY A 131 22.86 3.99 -5.26
CA GLY A 131 22.63 3.15 -6.41
C GLY A 131 22.74 3.93 -7.71
N PRO A 132 22.75 3.19 -8.83
CA PRO A 132 23.00 3.80 -10.15
C PRO A 132 21.94 4.80 -10.59
N TYR A 133 20.73 4.75 -10.01
CA TYR A 133 19.73 5.76 -10.37
C TYR A 133 19.55 6.88 -9.37
N PHE A 134 20.37 6.93 -8.33
CA PHE A 134 20.32 8.01 -7.35
C PHE A 134 20.70 9.34 -8.00
N LYS A 135 19.92 10.39 -7.74
CA LYS A 135 20.32 11.73 -8.19
C LYS A 135 20.32 12.75 -7.08
N ARG A 136 19.46 12.58 -6.06
CA ARG A 136 19.26 13.66 -5.08
C ARG A 136 18.97 13.16 -3.68
N GLU A 137 19.45 13.90 -2.68
CA GLU A 137 19.17 13.61 -1.28
C GLU A 137 17.80 14.11 -0.89
N VAL A 138 17.48 15.33 -1.30
CA VAL A 138 16.20 15.95 -1.01
C VAL A 138 15.20 15.66 -2.14
N TYR A 139 14.07 15.05 -1.78
CA TYR A 139 13.03 14.67 -2.74
C TYR A 139 12.02 15.80 -2.83
N HIS A 140 11.47 16.01 -4.02
CA HIS A 140 10.59 17.14 -4.30
C HIS A 140 9.22 16.59 -4.68
N TYR A 141 8.20 17.04 -3.94
CA TYR A 141 6.81 16.60 -4.10
C TYR A 141 5.94 17.82 -4.39
N PRO A 142 5.70 18.13 -5.69
CA PRO A 142 4.89 19.30 -5.97
C PRO A 142 3.42 19.09 -5.62
N ASN A 143 3.01 17.84 -5.36
CA ASN A 143 1.61 17.56 -4.95
C ASN A 143 0.52 18.09 -5.86
N GLN A 144 0.78 18.12 -7.17
CA GLN A 144 -0.16 18.65 -8.15
C GLN A 144 -1.05 17.54 -8.59
N GLN A 145 -1.94 17.15 -7.67
CA GLN A 145 -2.73 15.95 -7.88
C GLN A 145 -3.97 16.01 -6.96
N ARG A 146 -4.92 15.11 -7.19
CA ARG A 146 -6.17 15.06 -6.34
C ARG A 146 -5.91 14.82 -4.86
N GLY A 147 -6.75 15.41 -4.00
CA GLY A 147 -6.81 15.06 -2.59
C GLY A 147 -6.92 13.54 -2.47
N ALA A 148 -6.10 12.96 -1.61
CA ALA A 148 -6.09 11.50 -1.45
C ALA A 148 -5.26 11.04 -0.27
N ILE A 149 -5.42 9.77 0.09
CA ILE A 149 -4.55 9.13 1.05
C ILE A 149 -3.44 8.48 0.28
N LEU A 150 -2.23 8.98 0.50
CA LEU A 150 -1.01 8.35 0.01
C LEU A 150 -0.36 7.70 1.22
N TRP A 151 0.76 7.02 0.98
CA TRP A 151 1.54 6.49 2.07
C TRP A 151 2.97 6.37 1.59
N TYR A 152 3.93 6.38 2.50
CA TYR A 152 5.33 6.28 2.07
C TYR A 152 5.96 5.08 2.71
N HIS A 153 6.94 4.52 2.02
CA HIS A 153 7.55 3.27 2.48
C HIS A 153 8.84 3.03 1.72
N ASP A 154 9.64 2.13 2.26
CA ASP A 154 10.91 1.81 1.63
C ASP A 154 10.67 1.07 0.33
N HIS A 155 11.55 1.28 -0.66
CA HIS A 155 11.40 0.65 -1.95
C HIS A 155 12.76 0.10 -2.47
N ALA A 156 13.72 -0.18 -1.58
CA ALA A 156 15.10 -0.54 -2.04
C ALA A 156 15.13 -1.87 -2.77
N MET A 157 15.88 -1.92 -3.88
CA MET A 157 15.99 -3.10 -4.74
C MET A 157 16.27 -4.37 -3.92
N ALA A 158 15.44 -5.39 -4.10
CA ALA A 158 15.67 -6.72 -3.48
C ALA A 158 15.55 -6.75 -1.95
N LEU A 159 15.17 -5.62 -1.33
CA LEU A 159 15.11 -5.47 0.14
C LEU A 159 13.76 -4.92 0.63
N THR A 160 12.86 -4.61 -0.28
CA THR A 160 11.58 -3.96 0.08
C THR A 160 10.77 -4.77 1.11
N ARG A 161 10.67 -6.09 0.93
CA ARG A 161 9.84 -6.87 1.85
C ARG A 161 10.43 -6.79 3.27
N LEU A 162 11.76 -6.65 3.38
CA LEU A 162 12.44 -6.63 4.67
C LEU A 162 12.39 -5.24 5.32
N ASN A 163 12.70 -4.20 4.55
CA ASN A 163 12.73 -2.82 5.04
C ASN A 163 11.33 -2.36 5.43
N VAL A 164 10.32 -2.77 4.67
CA VAL A 164 8.91 -2.48 5.03
C VAL A 164 8.47 -3.26 6.27
N TYR A 165 8.74 -4.55 6.30
CA TYR A 165 8.39 -5.36 7.47
C TYR A 165 9.07 -4.83 8.76
N ALA A 166 10.30 -4.33 8.60
CA ALA A 166 11.07 -3.77 9.73
C ALA A 166 10.40 -2.55 10.36
N GLY A 167 9.47 -1.92 9.64
CA GLY A 167 8.72 -0.79 10.17
C GLY A 167 8.67 0.48 9.33
N LEU A 168 9.33 0.47 8.15
CA LEU A 168 9.44 1.70 7.36
C LEU A 168 8.20 1.96 6.49
N VAL A 169 7.15 2.45 7.15
CA VAL A 169 5.88 2.83 6.53
C VAL A 169 5.32 4.06 7.26
N GLY A 170 4.58 4.89 6.52
CA GLY A 170 3.87 6.03 7.14
C GLY A 170 2.78 6.56 6.21
N ALA A 171 1.88 7.40 6.76
CA ALA A 171 0.77 7.96 6.00
C ALA A 171 1.12 9.37 5.49
N TYR A 172 0.52 9.75 4.36
CA TYR A 172 0.80 11.05 3.72
C TYR A 172 -0.50 11.48 3.10
N ILE A 173 -1.08 12.57 3.64
CA ILE A 173 -2.43 12.94 3.25
C ILE A 173 -2.37 14.22 2.45
N ILE A 174 -2.90 14.17 1.24
CA ILE A 174 -3.08 15.40 0.47
C ILE A 174 -4.50 15.95 0.63
N HIS A 175 -4.60 17.18 1.14
CA HIS A 175 -5.86 17.87 1.35
C HIS A 175 -6.09 18.88 0.21
N ASP A 176 -7.19 18.73 -0.53
CA ASP A 176 -7.54 19.67 -1.58
C ASP A 176 -8.58 20.65 -0.99
N PRO A 177 -8.20 21.93 -0.81
CA PRO A 177 -9.15 22.89 -0.19
C PRO A 177 -10.50 22.96 -0.91
N LYS A 178 -10.56 22.60 -2.19
CA LYS A 178 -11.84 22.54 -2.90
C LYS A 178 -12.81 21.49 -2.34
N GLU A 179 -12.29 20.51 -1.59
CA GLU A 179 -13.14 19.47 -1.00
C GLU A 179 -13.66 19.83 0.39
N LYS A 180 -13.16 20.93 0.94
CA LYS A 180 -13.46 21.28 2.33
C LYS A 180 -14.96 21.56 2.52
N ARG A 181 -15.58 22.12 1.48
CA ARG A 181 -17.03 22.41 1.49
C ARG A 181 -17.92 21.18 1.68
N LEU A 182 -17.37 19.98 1.42
CA LEU A 182 -18.14 18.74 1.57
C LEU A 182 -18.39 18.46 3.05
N LYS A 183 -17.62 19.12 3.92
CA LYS A 183 -17.69 18.94 5.38
C LYS A 183 -17.51 17.50 5.83
N LEU A 184 -16.60 16.76 5.18
CA LEU A 184 -16.31 15.41 5.64
C LEU A 184 -15.71 15.52 7.04
N PRO A 185 -15.84 14.47 7.87
CA PRO A 185 -15.25 14.54 9.21
C PRO A 185 -13.75 14.92 9.10
N SER A 186 -13.27 15.78 9.99
CA SER A 186 -11.93 16.33 9.79
C SER A 186 -11.16 16.43 11.10
N ASP A 187 -9.87 16.69 10.97
CA ASP A 187 -8.95 16.93 12.10
C ASP A 187 -8.91 15.75 13.06
N GLU A 188 -9.34 15.92 14.31
CA GLU A 188 -9.33 14.76 15.21
C GLU A 188 -10.29 13.63 14.82
N TYR A 189 -11.26 13.93 13.95
CA TYR A 189 -12.22 12.92 13.48
C TYR A 189 -11.83 12.33 12.13
N ASP A 190 -10.54 12.48 11.77
CA ASP A 190 -10.01 12.01 10.49
C ASP A 190 -8.70 11.27 10.85
N VAL A 191 -8.76 9.96 10.84
CA VAL A 191 -7.76 9.11 11.48
C VAL A 191 -7.20 8.08 10.48
N PRO A 192 -5.86 8.12 10.21
CA PRO A 192 -5.26 7.04 9.43
C PRO A 192 -5.26 5.70 10.21
N LEU A 193 -5.48 4.59 9.51
CA LEU A 193 -5.36 3.26 10.10
C LEU A 193 -4.42 2.49 9.20
N LEU A 194 -3.16 2.39 9.61
CA LEU A 194 -2.17 1.62 8.86
C LEU A 194 -2.17 0.23 9.41
N ILE A 195 -2.58 -0.73 8.59
CA ILE A 195 -2.78 -2.11 9.03
C ILE A 195 -1.60 -2.95 8.57
N THR A 196 -0.90 -3.56 9.53
CA THR A 196 0.29 -4.36 9.26
C THR A 196 0.23 -5.67 10.05
N ASP A 197 0.31 -6.79 9.37
CA ASP A 197 0.37 -8.07 10.08
C ASP A 197 1.82 -8.39 10.41
N ARG A 198 2.05 -9.01 11.58
CA ARG A 198 3.40 -9.29 12.05
C ARG A 198 3.37 -10.63 12.77
N THR A 199 4.50 -11.33 12.77
CA THR A 199 4.69 -12.42 13.72
C THR A 199 5.75 -11.94 14.69
N ILE A 200 5.50 -12.17 15.97
CA ILE A 200 6.31 -11.61 17.04
C ILE A 200 6.73 -12.74 18.01
N ASN A 201 8.03 -12.85 18.25
CA ASN A 201 8.58 -13.87 19.14
C ASN A 201 8.20 -13.57 20.60
N GLU A 202 8.26 -14.59 21.47
CA GLU A 202 8.05 -14.41 22.92
C GLU A 202 8.86 -13.27 23.52
N ASP A 203 10.12 -13.13 23.13
CA ASP A 203 10.96 -12.04 23.62
C ASP A 203 10.61 -10.67 23.02
N GLY A 204 9.51 -10.59 22.28
CA GLY A 204 9.08 -9.31 21.69
C GLY A 204 9.77 -8.96 20.36
N SER A 205 10.73 -9.78 19.92
CA SER A 205 11.40 -9.53 18.63
C SER A 205 10.53 -9.89 17.43
N LEU A 206 10.65 -9.09 16.35
CA LEU A 206 9.97 -9.44 15.09
C LEU A 206 10.48 -10.76 14.56
N PHE A 207 9.57 -11.59 14.06
CA PHE A 207 9.93 -12.80 13.37
C PHE A 207 9.63 -12.64 11.88
N TYR A 208 10.62 -12.88 11.02
CA TYR A 208 10.38 -12.95 9.58
C TYR A 208 11.07 -14.25 9.14
N PRO A 209 10.41 -15.10 8.33
CA PRO A 209 10.93 -16.46 8.08
C PRO A 209 12.26 -16.41 7.34
N SER A 210 13.18 -17.29 7.75
CA SER A 210 14.47 -17.36 7.07
C SER A 210 14.45 -18.32 5.91
N ALA A 211 13.34 -19.03 5.75
CA ALA A 211 13.16 -20.01 4.68
C ALA A 211 11.71 -20.50 4.67
N PRO A 212 11.26 -21.11 3.54
CA PRO A 212 9.95 -21.77 3.63
C PRO A 212 10.03 -22.87 4.68
N GLU A 213 8.90 -23.29 5.21
CA GLU A 213 8.92 -24.38 6.20
C GLU A 213 9.43 -25.65 5.56
N ASN A 214 10.06 -26.51 6.36
CA ASN A 214 10.56 -27.78 5.82
C ASN A 214 11.27 -27.54 4.48
N PRO A 215 12.34 -26.71 4.50
CA PRO A 215 13.02 -26.42 3.24
C PRO A 215 13.62 -27.68 2.62
N SER A 216 13.42 -27.86 1.31
CA SER A 216 14.26 -28.76 0.52
C SER A 216 15.73 -28.44 0.85
N PRO A 217 16.60 -29.47 0.94
CA PRO A 217 18.00 -29.11 1.20
C PRO A 217 18.68 -28.40 0.01
N SER A 218 18.03 -28.38 -1.16
CA SER A 218 18.50 -27.60 -2.31
C SER A 218 18.47 -26.07 -2.09
N LEU A 219 17.58 -25.61 -1.20
CA LEU A 219 17.38 -24.16 -0.93
C LEU A 219 18.57 -23.49 -0.24
N PRO A 220 18.89 -22.24 -0.62
CA PRO A 220 19.87 -21.53 0.17
C PRO A 220 19.32 -21.17 1.55
N ASN A 221 20.20 -20.77 2.46
CA ASN A 221 19.75 -20.22 3.74
C ASN A 221 20.51 -18.96 4.12
N PRO A 222 19.79 -17.84 4.32
CA PRO A 222 18.33 -17.71 4.22
C PRO A 222 17.81 -17.89 2.79
N SER A 223 16.51 -18.16 2.66
CA SER A 223 15.83 -18.16 1.38
C SER A 223 14.62 -17.23 1.44
N ILE A 224 14.45 -16.41 0.40
CA ILE A 224 13.18 -15.70 0.18
C ILE A 224 11.99 -16.69 0.22
N VAL A 225 10.84 -16.20 0.67
CA VAL A 225 9.61 -16.96 0.66
C VAL A 225 8.65 -16.28 -0.33
N PRO A 226 7.76 -17.05 -0.97
CA PRO A 226 6.85 -16.45 -1.94
C PRO A 226 5.68 -15.65 -1.32
N ALA A 227 5.51 -15.70 -0.01
CA ALA A 227 4.34 -15.07 0.64
C ALA A 227 4.60 -15.06 2.13
N PHE A 228 4.14 -14.02 2.81
CA PHE A 228 4.30 -13.95 4.25
C PHE A 228 2.96 -13.63 4.94
N CYS A 229 2.55 -14.50 5.85
CA CYS A 229 1.31 -14.26 6.63
C CYS A 229 1.64 -14.12 8.12
N GLY A 230 1.43 -12.94 8.68
CA GLY A 230 1.72 -12.73 10.09
C GLY A 230 0.69 -13.35 11.02
N GLU A 231 1.12 -13.81 12.20
CA GLU A 231 0.19 -14.38 13.18
C GLU A 231 -0.71 -13.36 13.86
N THR A 232 -0.29 -12.10 13.85
CA THR A 232 -0.93 -11.04 14.66
C THR A 232 -1.19 -9.83 13.79
N ILE A 233 -2.29 -9.11 14.04
CA ILE A 233 -2.61 -7.90 13.25
C ILE A 233 -2.34 -6.69 14.12
N LEU A 234 -1.66 -5.69 13.55
CA LEU A 234 -1.44 -4.41 14.24
C LEU A 234 -2.12 -3.33 13.44
N VAL A 235 -2.58 -2.32 14.16
CA VAL A 235 -3.02 -1.10 13.54
C VAL A 235 -2.26 0.01 14.19
N ASN A 236 -1.69 0.88 13.37
CA ASN A 236 -0.86 1.99 13.85
C ASN A 236 0.19 1.55 14.86
N GLY A 237 0.85 0.43 14.59
CA GLY A 237 1.98 -0.03 15.42
C GLY A 237 1.59 -0.67 16.75
N LYS A 238 0.30 -0.97 16.95
CA LYS A 238 -0.12 -1.73 18.16
C LYS A 238 -0.92 -2.95 17.80
N VAL A 239 -0.65 -4.07 18.49
CA VAL A 239 -1.37 -5.33 18.25
C VAL A 239 -2.85 -5.20 18.72
N TRP A 240 -3.79 -5.64 17.88
CA TRP A 240 -5.24 -5.63 18.20
C TRP A 240 -5.65 -4.53 19.17
N PRO A 241 -5.57 -3.27 18.72
CA PRO A 241 -5.80 -2.19 19.66
C PRO A 241 -7.30 -1.84 19.76
N TYR A 242 -7.66 -1.01 20.71
CA TYR A 242 -9.02 -0.43 20.75
C TYR A 242 -8.89 1.08 20.49
N LEU A 243 -9.92 1.66 19.91
CA LEU A 243 -10.03 3.08 19.80
C LEU A 243 -11.35 3.53 20.44
N GLU A 244 -11.26 4.37 21.44
CA GLU A 244 -12.45 5.00 22.02
C GLU A 244 -12.93 6.08 21.06
N VAL A 245 -14.18 5.99 20.61
CA VAL A 245 -14.71 6.98 19.68
C VAL A 245 -15.92 7.68 20.29
N GLU A 246 -16.17 8.92 19.87
CA GLU A 246 -17.41 9.60 20.18
C GLU A 246 -18.56 9.09 19.30
N PRO A 247 -19.83 9.24 19.78
CA PRO A 247 -20.93 8.69 18.99
C PRO A 247 -21.31 9.66 17.88
N ARG A 248 -20.60 9.61 16.76
CA ARG A 248 -20.71 10.59 15.68
C ARG A 248 -19.90 10.05 14.47
N LYS A 249 -19.84 10.81 13.38
CA LYS A 249 -19.12 10.36 12.18
C LYS A 249 -17.60 10.54 12.26
N TYR A 250 -16.85 9.51 11.88
CA TYR A 250 -15.40 9.58 11.78
C TYR A 250 -15.04 9.30 10.35
N ARG A 251 -13.95 9.90 9.88
CA ARG A 251 -13.33 9.51 8.61
C ARG A 251 -12.08 8.68 8.90
N PHE A 252 -11.97 7.52 8.27
CA PHE A 252 -10.79 6.70 8.45
C PHE A 252 -10.04 6.53 7.13
N ARG A 253 -8.72 6.68 7.19
CA ARG A 253 -7.91 6.51 6.00
C ARG A 253 -7.26 5.15 6.14
N VAL A 254 -7.87 4.13 5.54
CA VAL A 254 -7.48 2.75 5.81
C VAL A 254 -6.41 2.33 4.80
N ILE A 255 -5.23 2.00 5.29
CA ILE A 255 -4.11 1.69 4.40
C ILE A 255 -3.66 0.28 4.68
N ASN A 256 -3.67 -0.59 3.67
CA ASN A 256 -2.99 -1.89 3.81
C ASN A 256 -1.46 -1.77 3.64
N ALA A 257 -0.75 -1.72 4.78
CA ALA A 257 0.73 -1.60 4.78
C ALA A 257 1.40 -2.97 5.07
N SER A 258 0.67 -4.03 4.80
CA SER A 258 1.16 -5.39 5.01
C SER A 258 1.93 -5.93 3.78
N ASN A 259 2.78 -6.92 4.02
CA ASN A 259 3.64 -7.47 2.97
C ASN A 259 2.86 -8.25 1.88
N THR A 260 2.00 -9.17 2.35
CA THR A 260 1.28 -10.09 1.47
C THR A 260 -0.22 -10.04 1.72
N ARG A 261 -0.57 -9.91 3.01
CA ARG A 261 -1.92 -10.19 3.48
C ARG A 261 -2.97 -9.26 2.86
N THR A 262 -4.06 -9.88 2.38
CA THR A 262 -5.26 -9.15 2.00
C THR A 262 -6.29 -9.30 3.11
N TYR A 263 -7.03 -8.23 3.37
CA TYR A 263 -8.07 -8.20 4.41
C TYR A 263 -9.43 -8.14 3.75
N ASN A 264 -10.44 -8.67 4.43
CA ASN A 264 -11.81 -8.44 4.02
C ASN A 264 -12.56 -7.98 5.25
N LEU A 265 -12.81 -6.67 5.31
CA LEU A 265 -13.18 -6.01 6.54
C LEU A 265 -14.70 -5.85 6.65
N SER A 266 -15.20 -5.96 7.88
CA SER A 266 -16.64 -5.75 8.19
C SER A 266 -16.73 -5.29 9.66
N LEU A 267 -17.92 -4.88 10.10
CA LEU A 267 -18.12 -4.50 11.49
C LEU A 267 -18.96 -5.59 12.13
N ASP A 268 -18.54 -6.06 13.31
CA ASP A 268 -19.22 -7.22 13.90
C ASP A 268 -20.62 -6.91 14.44
N ASN A 269 -21.04 -5.64 14.47
CA ASN A 269 -22.42 -5.31 14.86
C ASN A 269 -23.31 -5.16 13.62
N GLY A 270 -22.75 -5.50 12.45
CA GLY A 270 -23.45 -5.38 11.17
C GLY A 270 -23.57 -3.97 10.60
N GLY A 271 -22.91 -2.99 11.20
CA GLY A 271 -22.98 -1.62 10.68
C GLY A 271 -22.28 -1.45 9.33
N ASP A 272 -22.57 -0.34 8.64
CA ASP A 272 -22.03 -0.10 7.32
C ASP A 272 -20.83 0.84 7.34
N PHE A 273 -19.92 0.65 6.39
CA PHE A 273 -18.94 1.66 6.03
C PHE A 273 -19.57 2.53 4.95
N ILE A 274 -19.23 3.80 4.93
CA ILE A 274 -19.54 4.62 3.77
C ILE A 274 -18.21 4.91 3.09
N GLN A 275 -17.98 4.32 1.94
CA GLN A 275 -16.73 4.60 1.23
C GLN A 275 -16.87 5.92 0.51
N ILE A 276 -15.95 6.83 0.77
CA ILE A 276 -15.91 8.12 0.06
C ILE A 276 -14.71 8.25 -0.90
N GLY A 277 -13.70 7.37 -0.76
CA GLY A 277 -12.48 7.54 -1.56
C GLY A 277 -11.77 6.24 -1.80
N SER A 278 -11.01 6.21 -2.89
CA SER A 278 -10.16 5.07 -3.26
C SER A 278 -8.71 5.58 -3.35
N ASP A 279 -7.80 4.73 -3.80
CA ASP A 279 -6.37 5.11 -3.84
C ASP A 279 -6.16 6.50 -4.41
N GLY A 280 -6.84 6.78 -5.53
CA GLY A 280 -6.59 8.04 -6.27
C GLY A 280 -7.46 9.21 -5.89
N GLY A 281 -8.25 9.06 -4.82
CA GLY A 281 -8.98 10.21 -4.29
C GLY A 281 -10.46 9.94 -4.09
N LEU A 282 -11.23 10.99 -3.86
CA LEU A 282 -12.69 10.85 -3.72
C LEU A 282 -13.36 10.14 -4.90
N LEU A 283 -14.25 9.21 -4.56
CA LEU A 283 -15.15 8.60 -5.52
C LEU A 283 -16.11 9.64 -6.05
N PRO A 284 -16.69 9.42 -7.24
CA PRO A 284 -17.70 10.38 -7.69
C PRO A 284 -18.92 10.41 -6.75
N ARG A 285 -19.33 9.24 -6.24
CA ARG A 285 -20.47 9.10 -5.31
C ARG A 285 -20.06 8.25 -4.13
N SER A 286 -20.62 8.53 -2.96
CA SER A 286 -20.33 7.69 -1.78
C SER A 286 -20.98 6.33 -2.01
N VAL A 287 -20.42 5.29 -1.42
CA VAL A 287 -20.89 3.92 -1.61
C VAL A 287 -21.07 3.29 -0.22
N LYS A 288 -22.28 2.83 0.07
CA LYS A 288 -22.51 2.18 1.37
C LYS A 288 -22.10 0.70 1.22
N LEU A 289 -21.26 0.21 2.13
CA LEU A 289 -20.71 -1.15 1.99
C LEU A 289 -20.87 -1.85 3.31
N ASN A 290 -21.18 -3.13 3.27
CA ASN A 290 -21.14 -3.90 4.52
C ASN A 290 -19.76 -4.56 4.76
N SER A 291 -18.98 -4.69 3.69
CA SER A 291 -17.63 -5.29 3.77
C SER A 291 -16.82 -4.84 2.55
N PHE A 292 -15.48 -4.92 2.63
CA PHE A 292 -14.64 -4.62 1.47
C PHE A 292 -13.32 -5.37 1.56
N SER A 293 -12.77 -5.67 0.38
CA SER A 293 -11.49 -6.35 0.25
C SER A 293 -10.42 -5.28 0.17
N LEU A 294 -9.25 -5.53 0.76
CA LEU A 294 -8.18 -4.53 0.82
C LEU A 294 -6.84 -5.28 0.72
N ALA A 295 -6.29 -5.28 -0.48
CA ALA A 295 -5.03 -5.98 -0.75
C ALA A 295 -3.86 -5.04 -0.42
N PRO A 296 -2.62 -5.59 -0.31
CA PRO A 296 -1.47 -4.72 -0.02
C PRO A 296 -1.44 -3.45 -0.89
N ALA A 297 -1.23 -2.30 -0.22
CA ALA A 297 -1.12 -0.95 -0.82
C ALA A 297 -2.43 -0.26 -1.23
N GLU A 298 -3.55 -0.99 -1.25
CA GLU A 298 -4.85 -0.32 -1.47
C GLU A 298 -5.21 0.57 -0.30
N ARG A 299 -5.98 1.63 -0.57
CA ARG A 299 -6.48 2.53 0.47
C ARG A 299 -7.98 2.67 0.27
N TYR A 300 -8.70 2.66 1.39
CA TYR A 300 -10.14 2.94 1.42
C TYR A 300 -10.31 4.14 2.31
N ASP A 301 -10.91 5.19 1.77
CA ASP A 301 -11.20 6.37 2.56
C ASP A 301 -12.68 6.18 2.88
N ILE A 302 -13.02 6.01 4.16
CA ILE A 302 -14.38 5.66 4.61
C ILE A 302 -14.86 6.54 5.76
N ILE A 303 -16.17 6.67 5.84
CA ILE A 303 -16.79 7.23 7.02
C ILE A 303 -17.42 6.06 7.74
N ILE A 304 -17.24 5.99 9.06
CA ILE A 304 -18.09 5.14 9.89
C ILE A 304 -18.94 6.03 10.80
N ASP A 305 -20.24 5.80 10.80
CA ASP A 305 -21.13 6.63 11.61
C ASP A 305 -21.44 5.92 12.92
N PHE A 306 -20.88 6.41 14.05
CA PHE A 306 -21.11 5.74 15.33
C PHE A 306 -22.31 6.35 16.11
N THR A 307 -23.01 7.32 15.49
CA THR A 307 -24.09 8.05 16.15
C THR A 307 -25.09 7.09 16.82
N ALA A 308 -25.44 6.02 16.12
CA ALA A 308 -26.47 5.10 16.61
C ALA A 308 -25.93 3.98 17.47
N TYR A 309 -24.63 3.99 17.77
CA TYR A 309 -24.01 2.90 18.53
C TYR A 309 -23.42 3.23 19.91
N GLU A 310 -23.92 4.28 20.58
CA GLU A 310 -23.27 4.70 21.81
C GLU A 310 -23.24 3.55 22.82
N GLY A 311 -22.13 3.42 23.51
CA GLY A 311 -21.93 2.37 24.48
C GLY A 311 -21.34 1.10 23.87
N GLU A 312 -21.49 0.88 22.57
CA GLU A 312 -21.08 -0.43 22.02
C GLU A 312 -19.56 -0.60 21.86
N SER A 313 -19.12 -1.86 21.94
CA SER A 313 -17.79 -2.28 21.51
C SER A 313 -17.97 -3.02 20.17
N ILE A 314 -17.36 -2.46 19.11
CA ILE A 314 -17.52 -2.96 17.77
C ILE A 314 -16.16 -3.46 17.23
N ILE A 315 -16.10 -4.72 16.83
CA ILE A 315 -14.87 -5.26 16.28
C ILE A 315 -14.82 -4.99 14.77
N LEU A 316 -13.72 -4.39 14.33
CA LEU A 316 -13.41 -4.38 12.91
C LEU A 316 -12.89 -5.80 12.61
N ALA A 317 -13.72 -6.60 11.93
CA ALA A 317 -13.44 -8.02 11.66
C ALA A 317 -12.87 -8.29 10.28
N ASN A 318 -12.20 -9.43 10.15
CA ASN A 318 -11.57 -9.82 8.89
C ASN A 318 -11.93 -11.28 8.56
N SER A 319 -12.44 -11.52 7.36
CA SER A 319 -12.80 -12.87 6.96
C SER A 319 -11.83 -13.48 5.93
N ALA A 320 -10.86 -12.70 5.44
CA ALA A 320 -9.93 -13.21 4.41
C ALA A 320 -8.81 -14.01 5.07
N GLY A 321 -8.62 -15.23 4.62
CA GLY A 321 -7.54 -16.04 5.14
C GLY A 321 -6.22 -15.63 4.52
N CYS A 322 -5.13 -15.98 5.20
CA CYS A 322 -3.80 -15.82 4.61
C CYS A 322 -3.06 -17.14 4.83
N GLY A 323 -2.94 -17.92 3.76
CA GLY A 323 -2.29 -19.24 3.82
C GLY A 323 -3.11 -20.28 4.59
N GLY A 324 -4.42 -20.12 4.61
CA GLY A 324 -5.28 -20.95 5.47
C GLY A 324 -6.49 -20.15 5.89
N ASP A 325 -7.42 -20.79 6.58
CA ASP A 325 -8.61 -20.07 7.01
C ASP A 325 -8.23 -19.11 8.09
N VAL A 326 -9.05 -18.07 8.22
CA VAL A 326 -8.89 -17.06 9.21
C VAL A 326 -9.17 -17.72 10.58
N ASN A 327 -8.43 -17.31 11.61
CA ASN A 327 -8.59 -17.84 12.96
C ASN A 327 -9.43 -16.85 13.81
N PRO A 328 -10.63 -17.29 14.31
CA PRO A 328 -11.51 -16.43 15.13
C PRO A 328 -10.79 -15.75 16.29
N GLU A 329 -9.75 -16.39 16.83
CA GLU A 329 -9.05 -15.81 17.99
C GLU A 329 -7.97 -14.80 17.65
N THR A 330 -7.51 -14.81 16.39
CA THR A 330 -6.34 -14.03 16.03
C THR A 330 -6.65 -13.16 14.80
N ASP A 331 -6.25 -13.62 13.62
CA ASP A 331 -6.32 -12.76 12.43
C ASP A 331 -7.74 -12.46 11.94
N ALA A 332 -8.78 -13.06 12.54
CA ALA A 332 -10.17 -12.61 12.27
C ALA A 332 -10.48 -11.22 12.87
N ASN A 333 -9.56 -10.73 13.70
CA ASN A 333 -9.73 -9.46 14.39
C ASN A 333 -8.72 -8.44 13.90
N ILE A 334 -9.18 -7.21 13.71
CA ILE A 334 -8.26 -6.10 13.39
C ILE A 334 -8.13 -5.16 14.58
N MET A 335 -9.23 -4.54 14.97
CA MET A 335 -9.22 -3.62 16.11
C MET A 335 -10.65 -3.52 16.66
N GLN A 336 -10.82 -2.75 17.72
CA GLN A 336 -12.13 -2.63 18.37
C GLN A 336 -12.45 -1.16 18.56
N PHE A 337 -13.65 -0.74 18.20
CA PHE A 337 -14.09 0.61 18.51
C PHE A 337 -14.93 0.52 19.79
N ARG A 338 -14.75 1.47 20.69
CA ARG A 338 -15.57 1.58 21.90
C ARG A 338 -16.25 2.92 21.84
N VAL A 339 -17.56 2.92 21.68
CA VAL A 339 -18.29 4.16 21.48
C VAL A 339 -18.73 4.79 22.83
N THR A 340 -17.75 5.27 23.58
CA THR A 340 -17.92 5.69 24.96
C THR A 340 -17.25 7.02 25.21
N LYS A 341 -16.66 7.64 24.19
CA LYS A 341 -16.03 8.92 24.41
C LYS A 341 -17.08 10.03 24.38
N PRO A 342 -17.07 10.95 25.36
CA PRO A 342 -18.07 12.03 25.34
C PRO A 342 -17.83 12.93 24.12
N LEU A 343 -18.89 13.49 23.57
CA LEU A 343 -18.80 14.40 22.44
C LEU A 343 -18.02 15.65 22.80
N ALA A 344 -16.96 15.98 22.04
CA ALA A 344 -16.22 17.24 22.28
C ALA A 344 -17.05 18.44 21.83
N GLN A 345 -17.92 18.23 20.85
CA GLN A 345 -18.72 19.28 20.24
C GLN A 345 -19.76 18.58 19.35
N LYS A 346 -20.70 19.37 18.85
CA LYS A 346 -21.71 18.89 17.91
C LYS A 346 -21.01 18.31 16.68
N ASP A 347 -21.54 17.20 16.16
CA ASP A 347 -21.06 16.65 14.92
C ASP A 347 -21.49 17.60 13.78
N GLU A 348 -20.55 18.41 13.32
CA GLU A 348 -20.79 19.32 12.18
C GLU A 348 -20.42 18.69 10.83
N SER A 349 -20.08 17.40 10.82
CA SER A 349 -19.65 16.76 9.60
C SER A 349 -20.81 16.20 8.80
N ARG A 350 -20.52 15.82 7.56
CA ARG A 350 -21.52 15.29 6.63
C ARG A 350 -21.06 13.98 6.01
N LYS A 351 -22.03 13.21 5.53
CA LYS A 351 -21.72 12.05 4.70
C LYS A 351 -22.43 12.22 3.36
N PRO A 352 -21.95 13.18 2.53
CA PRO A 352 -22.71 13.47 1.31
C PRO A 352 -22.70 12.35 0.29
N LYS A 353 -23.79 12.26 -0.48
CA LYS A 353 -23.84 11.42 -1.66
C LYS A 353 -22.91 11.95 -2.78
N TYR A 354 -22.93 13.25 -3.05
CA TYR A 354 -22.23 13.80 -4.22
C TYR A 354 -20.86 14.22 -3.81
N LEU A 355 -19.83 13.61 -4.38
CA LEU A 355 -18.48 13.85 -3.89
C LEU A 355 -17.57 14.58 -4.88
N ALA A 356 -17.43 14.04 -6.07
CA ALA A 356 -16.43 14.52 -7.05
C ALA A 356 -16.88 14.22 -8.47
N SER A 357 -16.15 14.73 -9.47
CA SER A 357 -16.39 14.35 -10.88
C SER A 357 -16.12 12.89 -11.08
N TYR A 358 -16.95 12.30 -11.93
CA TYR A 358 -16.67 11.00 -12.52
C TYR A 358 -15.39 11.08 -13.38
N PRO A 359 -14.50 10.07 -13.26
CA PRO A 359 -13.37 9.92 -14.19
C PRO A 359 -13.85 9.86 -15.64
N SER A 360 -15.06 9.32 -15.86
CA SER A 360 -15.66 9.17 -17.19
C SER A 360 -16.05 10.50 -17.88
N VAL A 361 -15.98 11.63 -17.17
CA VAL A 361 -16.17 12.95 -17.80
C VAL A 361 -15.04 13.20 -18.85
N GLN A 362 -13.95 12.43 -18.72
CA GLN A 362 -12.81 12.45 -19.66
C GLN A 362 -13.04 11.53 -20.85
N HIS A 363 -12.66 12.01 -22.02
CA HIS A 363 -12.93 11.35 -23.30
C HIS A 363 -11.60 11.14 -24.06
N GLU A 364 -10.62 10.54 -23.40
CA GLU A 364 -9.26 10.39 -23.95
C GLU A 364 -9.20 9.36 -25.06
N ARG A 365 -8.45 9.68 -26.10
CA ARG A 365 -8.21 8.75 -27.18
C ARG A 365 -7.24 7.63 -26.74
N ILE A 366 -7.52 6.40 -27.15
CA ILE A 366 -6.66 5.29 -26.75
C ILE A 366 -5.49 5.18 -27.71
N GLN A 367 -4.31 5.58 -27.25
CA GLN A 367 -3.07 5.54 -28.05
C GLN A 367 -2.57 4.13 -28.26
N ASN A 368 -2.77 3.27 -27.28
CA ASN A 368 -2.13 1.97 -27.30
C ASN A 368 -2.88 1.03 -26.37
N ILE A 369 -2.95 -0.24 -26.77
CA ILE A 369 -3.49 -1.30 -25.93
C ILE A 369 -2.32 -2.20 -25.64
N ARG A 370 -1.96 -2.31 -24.37
CA ARG A 370 -0.79 -3.05 -23.95
C ARG A 370 -1.24 -4.36 -23.26
N THR A 371 -0.81 -5.50 -23.79
CA THR A 371 -1.17 -6.80 -23.22
C THR A 371 -0.03 -7.30 -22.34
N LEU A 372 -0.37 -7.69 -21.12
CA LEU A 372 0.62 -8.04 -20.11
C LEU A 372 0.25 -9.33 -19.41
N LYS A 373 1.18 -10.27 -19.33
CA LYS A 373 0.93 -11.56 -18.71
C LYS A 373 1.63 -11.63 -17.34
N LEU A 374 0.94 -12.16 -16.35
CA LEU A 374 1.51 -12.47 -15.04
C LEU A 374 1.93 -13.93 -15.07
N ALA A 375 3.22 -14.17 -15.02
CA ALA A 375 3.76 -15.52 -15.19
C ALA A 375 4.91 -15.77 -14.23
N GLY A 376 5.67 -16.81 -14.47
CA GLY A 376 6.61 -17.27 -13.44
C GLY A 376 7.45 -18.38 -14.01
N THR A 377 8.58 -18.59 -13.37
CA THR A 377 9.47 -19.65 -13.76
C THR A 377 10.00 -20.21 -12.46
N GLN A 378 11.05 -21.01 -12.55
CA GLN A 378 11.56 -21.72 -11.41
C GLN A 378 13.06 -21.51 -11.46
N ASP A 379 13.67 -21.20 -10.32
CA ASP A 379 15.10 -20.95 -10.35
C ASP A 379 15.90 -22.25 -10.16
N GLU A 380 17.21 -22.14 -10.11
CA GLU A 380 18.07 -23.32 -9.98
C GLU A 380 17.89 -24.07 -8.65
N TYR A 381 17.23 -23.41 -7.68
CA TYR A 381 16.94 -24.05 -6.40
C TYR A 381 15.53 -24.63 -6.33
N GLY A 382 14.76 -24.48 -7.39
CA GLY A 382 13.41 -24.98 -7.36
C GLY A 382 12.38 -23.98 -6.83
N ARG A 383 12.78 -22.72 -6.66
CA ARG A 383 11.85 -21.74 -6.08
C ARG A 383 11.10 -21.04 -7.18
N PRO A 384 9.82 -20.68 -6.93
CA PRO A 384 9.07 -19.88 -7.93
C PRO A 384 9.64 -18.48 -8.03
N VAL A 385 9.85 -18.02 -9.27
CA VAL A 385 10.25 -16.64 -9.55
C VAL A 385 9.10 -15.99 -10.35
N LEU A 386 8.47 -14.98 -9.78
CA LEU A 386 7.30 -14.39 -10.42
C LEU A 386 7.73 -13.25 -11.33
N LEU A 387 7.19 -13.24 -12.54
CA LEU A 387 7.66 -12.32 -13.59
C LEU A 387 6.49 -11.61 -14.27
N LEU A 388 6.71 -10.36 -14.64
CA LEU A 388 5.74 -9.65 -15.44
C LEU A 388 6.15 -9.84 -16.91
N ASN A 389 5.23 -10.39 -17.69
CA ASN A 389 5.45 -10.65 -19.12
C ASN A 389 6.72 -11.46 -19.40
N ASN A 390 7.05 -12.38 -18.49
CA ASN A 390 8.24 -13.24 -18.58
C ASN A 390 9.60 -12.54 -18.68
N LYS A 391 9.66 -11.32 -18.18
CA LYS A 391 10.89 -10.55 -18.11
C LYS A 391 11.36 -10.41 -16.67
N ARG A 392 12.68 -10.36 -16.51
CA ARG A 392 13.29 -9.97 -15.25
C ARG A 392 13.33 -8.45 -15.13
N TRP A 393 13.44 -7.98 -13.89
CA TRP A 393 13.65 -6.57 -13.61
C TRP A 393 14.74 -6.01 -14.53
N HIS A 394 15.85 -6.75 -14.66
CA HIS A 394 17.01 -6.26 -15.37
C HIS A 394 16.93 -6.37 -16.89
N ASP A 395 15.87 -6.96 -17.44
CA ASP A 395 15.77 -7.05 -18.92
C ASP A 395 15.51 -5.67 -19.50
N PRO A 396 15.86 -5.45 -20.77
CA PRO A 396 15.62 -4.12 -21.35
C PRO A 396 14.14 -3.73 -21.17
N VAL A 397 13.91 -2.47 -20.87
CA VAL A 397 12.56 -1.96 -20.58
C VAL A 397 11.65 -2.20 -21.77
N THR A 398 10.39 -2.57 -21.52
CA THR A 398 9.43 -2.81 -22.56
C THR A 398 8.16 -1.97 -22.41
N GLU A 399 7.86 -1.55 -21.19
CA GLU A 399 6.65 -0.74 -20.97
C GLU A 399 7.05 0.71 -21.14
N THR A 400 6.85 1.22 -22.35
CA THR A 400 7.31 2.56 -22.69
C THR A 400 6.16 3.47 -23.20
N PRO A 401 5.18 3.79 -22.33
CA PRO A 401 4.14 4.69 -22.84
C PRO A 401 4.64 6.10 -23.14
N LYS A 402 3.98 6.80 -24.06
CA LYS A 402 4.34 8.19 -24.38
C LYS A 402 3.65 9.13 -23.44
N VAL A 403 4.39 10.13 -22.97
CA VAL A 403 3.85 11.15 -22.07
C VAL A 403 2.61 11.79 -22.65
N GLY A 404 1.62 12.02 -21.80
CA GLY A 404 0.37 12.67 -22.20
C GLY A 404 -0.61 11.75 -22.91
N THR A 405 -0.24 10.49 -23.17
CA THR A 405 -1.15 9.59 -23.90
C THR A 405 -1.85 8.61 -22.94
N THR A 406 -3.01 8.11 -23.37
CA THR A 406 -3.80 7.12 -22.64
C THR A 406 -3.67 5.73 -23.27
N GLU A 407 -3.43 4.72 -22.44
CA GLU A 407 -3.36 3.35 -22.89
C GLU A 407 -4.37 2.53 -22.11
N ILE A 408 -4.82 1.45 -22.72
CA ILE A 408 -5.49 0.37 -21.99
C ILE A 408 -4.46 -0.69 -21.73
N TRP A 409 -4.34 -1.10 -20.46
CA TRP A 409 -3.53 -2.24 -20.11
C TRP A 409 -4.47 -3.40 -19.85
N SER A 410 -4.20 -4.49 -20.58
CA SER A 410 -4.95 -5.73 -20.46
CA SER A 410 -4.95 -5.71 -20.48
C SER A 410 -4.06 -6.72 -19.75
N ILE A 411 -4.42 -7.02 -18.50
CA ILE A 411 -3.58 -7.80 -17.62
C ILE A 411 -4.11 -9.20 -17.52
N ILE A 412 -3.34 -10.15 -18.03
CA ILE A 412 -3.76 -11.58 -18.07
C ILE A 412 -3.17 -12.32 -16.89
N ASN A 413 -4.05 -12.89 -16.06
CA ASN A 413 -3.59 -13.61 -14.88
C ASN A 413 -3.93 -15.10 -14.92
N PRO A 414 -3.00 -15.94 -15.42
CA PRO A 414 -3.23 -17.39 -15.42
C PRO A 414 -2.71 -18.10 -14.19
N THR A 415 -2.29 -17.35 -13.16
CA THR A 415 -1.73 -17.99 -11.97
C THR A 415 -2.86 -18.41 -11.06
N ARG A 416 -2.54 -18.96 -9.89
CA ARG A 416 -3.56 -19.45 -8.97
C ARG A 416 -4.06 -18.40 -8.01
N GLY A 417 -3.42 -17.23 -7.95
CA GLY A 417 -3.82 -16.24 -6.93
C GLY A 417 -4.03 -14.85 -7.48
N THR A 418 -4.59 -13.97 -6.65
CA THR A 418 -4.74 -12.54 -6.95
C THR A 418 -3.43 -11.81 -6.78
N HIS A 419 -3.10 -10.91 -7.72
CA HIS A 419 -1.94 -10.02 -7.54
C HIS A 419 -2.44 -8.58 -7.56
N PRO A 420 -2.09 -7.78 -6.54
CA PRO A 420 -2.46 -6.37 -6.52
C PRO A 420 -1.44 -5.58 -7.36
N ILE A 421 -1.78 -5.30 -8.61
CA ILE A 421 -0.86 -4.68 -9.57
C ILE A 421 -0.85 -3.20 -9.36
N HIS A 422 0.37 -2.63 -9.30
CA HIS A 422 0.53 -1.24 -9.00
C HIS A 422 1.37 -0.56 -10.07
N LEU A 423 0.88 0.58 -10.56
CA LEU A 423 1.69 1.47 -11.41
C LEU A 423 2.12 2.70 -10.63
N HIS A 424 3.39 3.08 -10.74
CA HIS A 424 3.85 4.32 -10.11
C HIS A 424 3.36 5.50 -10.92
N LEU A 425 3.47 6.69 -10.32
CA LEU A 425 3.09 7.99 -10.89
C LEU A 425 1.59 8.26 -11.06
N VAL A 426 0.92 7.37 -11.77
CA VAL A 426 -0.43 7.63 -12.25
C VAL A 426 -1.48 6.99 -11.35
N SER A 427 -2.70 7.51 -11.41
CA SER A 427 -3.84 6.67 -11.07
C SER A 427 -4.59 6.37 -12.35
N PHE A 428 -5.48 5.38 -12.30
CA PHE A 428 -6.12 4.92 -13.50
C PHE A 428 -7.57 4.53 -13.24
N ARG A 429 -8.28 4.23 -14.31
CA ARG A 429 -9.65 3.78 -14.22
C ARG A 429 -9.68 2.30 -14.47
N VAL A 430 -10.65 1.62 -13.87
CA VAL A 430 -10.82 0.20 -14.07
C VAL A 430 -11.91 0.07 -15.15
N LEU A 431 -11.63 -0.69 -16.19
CA LEU A 431 -12.62 -0.88 -17.24
C LEU A 431 -13.46 -2.14 -16.98
N ASP A 432 -12.81 -3.29 -16.87
CA ASP A 432 -13.54 -4.54 -16.61
C ASP A 432 -12.66 -5.71 -16.29
N ARG A 433 -13.32 -6.79 -15.88
CA ARG A 433 -12.68 -8.07 -15.65
C ARG A 433 -13.43 -9.16 -16.40
N ARG A 434 -12.71 -10.13 -16.96
CA ARG A 434 -13.36 -11.20 -17.76
C ARG A 434 -12.67 -12.55 -17.60
N PRO A 435 -13.44 -13.61 -17.26
CA PRO A 435 -12.81 -14.92 -17.02
C PRO A 435 -12.39 -15.59 -18.33
N PHE A 436 -11.24 -16.27 -18.31
CA PHE A 436 -10.76 -17.00 -19.47
C PHE A 436 -10.34 -18.42 -19.09
N ASP A 437 -10.15 -19.23 -20.12
CA ASP A 437 -9.82 -20.67 -20.00
C ASP A 437 -8.31 -20.75 -19.73
N ILE A 438 -7.93 -21.02 -18.48
CA ILE A 438 -6.50 -20.99 -18.11
C ILE A 438 -5.71 -22.08 -18.85
N ALA A 439 -6.16 -23.33 -18.75
CA ALA A 439 -5.48 -24.47 -19.44
C ALA A 439 -5.21 -24.19 -20.92
N ARG A 440 -6.21 -23.65 -21.60
CA ARG A 440 -6.07 -23.36 -23.02
C ARG A 440 -5.04 -22.27 -23.28
N TYR A 441 -5.07 -21.23 -22.43
CA TYR A 441 -4.10 -20.13 -22.52
C TYR A 441 -2.67 -20.60 -22.24
N GLN A 442 -2.50 -21.45 -21.21
CA GLN A 442 -1.17 -22.01 -20.90
C GLN A 442 -0.67 -22.94 -21.99
N GLU A 443 -1.57 -23.76 -22.55
CA GLU A 443 -1.16 -24.69 -23.62
C GLU A 443 -0.80 -23.97 -24.93
N SER A 444 -1.62 -23.00 -25.34
CA SER A 444 -1.52 -22.48 -26.69
C SER A 444 -1.20 -20.99 -26.76
N GLY A 445 -1.27 -20.29 -25.63
CA GLY A 445 -1.11 -18.83 -25.63
C GLY A 445 -2.35 -18.09 -26.12
N GLU A 446 -3.40 -18.84 -26.47
CA GLU A 446 -4.63 -18.22 -26.95
C GLU A 446 -5.62 -17.92 -25.85
N LEU A 447 -6.20 -16.73 -25.95
CA LEU A 447 -7.12 -16.23 -24.97
C LEU A 447 -8.56 -16.53 -25.38
N SER A 448 -9.21 -17.40 -24.62
CA SER A 448 -10.57 -17.78 -24.88
C SER A 448 -11.44 -17.51 -23.66
N TYR A 449 -12.32 -16.52 -23.78
CA TYR A 449 -13.19 -16.10 -22.68
C TYR A 449 -14.28 -17.12 -22.34
N THR A 450 -14.52 -17.30 -21.05
CA THR A 450 -15.52 -18.26 -20.60
C THR A 450 -16.75 -17.57 -20.02
N GLY A 451 -16.90 -16.28 -20.29
CA GLY A 451 -17.96 -15.49 -19.67
C GLY A 451 -17.84 -14.08 -20.18
N PRO A 452 -18.91 -13.26 -20.04
CA PRO A 452 -18.83 -11.86 -20.46
C PRO A 452 -17.99 -11.03 -19.48
N ALA A 453 -17.59 -9.84 -19.93
CA ALA A 453 -16.88 -8.87 -19.13
C ALA A 453 -17.77 -8.41 -17.98
N VAL A 454 -17.14 -8.15 -16.84
CA VAL A 454 -17.82 -7.63 -15.66
C VAL A 454 -17.29 -6.22 -15.37
N PRO A 455 -18.15 -5.19 -15.45
CA PRO A 455 -17.66 -3.83 -15.17
C PRO A 455 -17.32 -3.65 -13.68
N PRO A 456 -16.54 -2.62 -13.33
CA PRO A 456 -16.15 -2.51 -11.92
C PRO A 456 -17.33 -2.15 -11.02
N PRO A 457 -17.30 -2.60 -9.75
CA PRO A 457 -18.30 -2.16 -8.77
C PRO A 457 -18.08 -0.67 -8.48
N PRO A 458 -19.08 -0.01 -7.86
CA PRO A 458 -19.00 1.42 -7.57
C PRO A 458 -17.69 1.80 -6.83
N SER A 459 -17.18 0.91 -5.97
CA SER A 459 -15.93 1.18 -5.24
C SER A 459 -14.74 1.38 -6.20
N GLU A 460 -14.87 0.82 -7.40
CA GLU A 460 -13.84 0.93 -8.46
C GLU A 460 -14.21 1.82 -9.64
N LYS A 461 -15.18 2.71 -9.41
CA LYS A 461 -15.57 3.68 -10.43
C LYS A 461 -14.83 5.02 -10.32
N GLY A 462 -13.91 5.14 -9.37
CA GLY A 462 -13.09 6.34 -9.26
C GLY A 462 -11.69 6.05 -9.78
N TRP A 463 -10.70 6.60 -9.10
CA TRP A 463 -9.31 6.49 -9.49
C TRP A 463 -8.59 5.49 -8.60
N LYS A 464 -7.82 4.61 -9.23
CA LYS A 464 -7.11 3.55 -8.53
C LYS A 464 -5.63 3.62 -8.91
N ASP A 465 -4.76 3.14 -8.02
CA ASP A 465 -3.35 2.95 -8.39
C ASP A 465 -2.84 1.54 -8.10
N THR A 466 -3.58 0.79 -7.32
CA THR A 466 -3.21 -0.59 -6.97
C THR A 466 -4.51 -1.40 -7.12
N ILE A 467 -4.48 -2.44 -7.93
CA ILE A 467 -5.73 -3.04 -8.40
C ILE A 467 -5.62 -4.55 -8.36
N GLN A 468 -6.60 -5.22 -7.74
CA GLN A 468 -6.56 -6.68 -7.63
C GLN A 468 -6.84 -7.39 -8.95
N ALA A 469 -5.83 -8.10 -9.47
CA ALA A 469 -5.99 -8.90 -10.69
C ALA A 469 -6.15 -10.35 -10.26
N HIS A 470 -7.40 -10.83 -10.30
CA HIS A 470 -7.74 -12.18 -9.83
C HIS A 470 -7.30 -13.27 -10.80
N ALA A 471 -7.19 -14.48 -10.27
CA ALA A 471 -6.79 -15.67 -11.02
C ALA A 471 -7.83 -16.02 -12.08
N GLY A 472 -7.34 -16.41 -13.25
CA GLY A 472 -8.18 -16.76 -14.39
C GLY A 472 -9.01 -15.65 -14.98
N GLU A 473 -8.58 -14.40 -14.76
CA GLU A 473 -9.22 -13.25 -15.39
C GLU A 473 -8.26 -12.37 -16.14
N VAL A 474 -8.81 -11.66 -17.12
CA VAL A 474 -8.14 -10.54 -17.75
C VAL A 474 -8.74 -9.29 -17.13
N LEU A 475 -7.87 -8.47 -16.55
CA LEU A 475 -8.26 -7.16 -16.02
C LEU A 475 -7.83 -6.09 -16.99
N ARG A 476 -8.75 -5.17 -17.34
CA ARG A 476 -8.37 -4.04 -18.18
C ARG A 476 -8.51 -2.73 -17.41
N ILE A 477 -7.48 -1.89 -17.51
CA ILE A 477 -7.44 -0.58 -16.87
C ILE A 477 -7.08 0.42 -17.93
N ALA A 478 -7.44 1.68 -17.73
CA ALA A 478 -7.05 2.72 -18.67
C ALA A 478 -6.27 3.79 -17.91
N ALA A 479 -5.04 4.08 -18.34
CA ALA A 479 -4.19 5.06 -17.63
C ALA A 479 -3.67 6.12 -18.59
N THR A 480 -3.71 7.38 -18.16
CA THR A 480 -3.06 8.46 -18.87
C THR A 480 -1.70 8.73 -18.25
N PHE A 481 -0.65 8.55 -19.03
CA PHE A 481 0.73 8.64 -18.53
C PHE A 481 1.28 10.05 -18.50
N GLY A 482 1.26 10.65 -17.33
CA GLY A 482 1.73 12.02 -17.15
C GLY A 482 1.46 12.43 -15.72
N PRO A 483 1.71 13.71 -15.39
CA PRO A 483 2.13 14.72 -16.36
C PRO A 483 3.63 14.68 -16.64
N TYR A 484 4.40 13.90 -15.88
CA TYR A 484 5.85 13.87 -16.06
C TYR A 484 6.29 12.74 -16.99
N SER A 485 7.41 12.93 -17.67
CA SER A 485 8.06 11.83 -18.35
C SER A 485 9.25 11.37 -17.50
N GLY A 486 9.70 10.14 -17.72
CA GLY A 486 10.86 9.64 -17.02
C GLY A 486 10.78 8.15 -16.68
N ARG A 487 11.67 7.74 -15.80
CA ARG A 487 11.80 6.33 -15.50
C ARG A 487 11.12 6.01 -14.16
N TYR A 488 10.06 5.20 -14.23
CA TYR A 488 9.31 4.80 -13.02
C TYR A 488 9.26 3.29 -13.04
N VAL A 489 8.30 2.69 -12.37
CA VAL A 489 8.17 1.24 -12.30
C VAL A 489 6.70 0.77 -12.22
N TRP A 490 6.45 -0.50 -12.51
CA TRP A 490 5.17 -1.09 -12.17
C TRP A 490 5.42 -2.48 -11.65
N HIS A 491 4.56 -2.96 -10.78
CA HIS A 491 4.86 -4.18 -10.06
C HIS A 491 3.68 -4.73 -9.30
N CYS A 492 3.78 -5.99 -8.92
CA CYS A 492 2.86 -6.55 -7.92
C CYS A 492 3.26 -6.02 -6.56
N HIS A 493 2.28 -5.61 -5.75
CA HIS A 493 2.57 -5.01 -4.45
C HIS A 493 2.55 -6.02 -3.29
N ILE A 494 2.46 -7.31 -3.59
CA ILE A 494 2.89 -8.34 -2.62
C ILE A 494 4.41 -8.29 -2.60
N LEU A 495 4.97 -7.89 -1.47
CA LEU A 495 6.35 -7.51 -1.41
C LEU A 495 7.26 -8.70 -1.68
N GLU A 496 6.85 -9.86 -1.20
CA GLU A 496 7.56 -11.11 -1.52
C GLU A 496 7.58 -11.43 -3.04
N HIS A 497 6.58 -10.94 -3.78
CA HIS A 497 6.54 -11.16 -5.24
C HIS A 497 7.39 -10.09 -5.90
N GLU A 498 7.15 -8.84 -5.48
CA GLU A 498 7.89 -7.68 -5.93
C GLU A 498 9.42 -7.91 -5.92
N ASP A 499 9.92 -8.55 -4.85
CA ASP A 499 11.37 -8.66 -4.69
C ASP A 499 11.95 -9.82 -5.50
N TYR A 500 11.09 -10.68 -6.06
CA TYR A 500 11.56 -11.86 -6.80
C TYR A 500 10.54 -12.48 -7.75
N ASP A 501 10.31 -11.87 -8.90
CA ASP A 501 11.00 -10.67 -9.38
C ASP A 501 9.93 -9.90 -10.14
N MET A 502 8.80 -9.69 -9.47
CA MET A 502 7.57 -9.26 -10.15
C MET A 502 7.46 -7.72 -10.22
N MET A 503 8.44 -7.13 -10.91
CA MET A 503 8.60 -5.69 -10.95
C MET A 503 9.40 -5.35 -12.20
N ARG A 504 8.99 -4.27 -12.88
CA ARG A 504 9.60 -3.87 -14.14
C ARG A 504 9.70 -2.35 -14.25
N PRO A 505 10.76 -1.88 -14.92
CA PRO A 505 10.82 -0.45 -15.19
C PRO A 505 9.69 -0.03 -16.11
N MET A 506 9.32 1.25 -16.01
CA MET A 506 8.31 1.81 -16.88
C MET A 506 8.87 3.15 -17.35
N ASP A 507 9.11 3.29 -18.65
CA ASP A 507 9.58 4.59 -19.18
C ASP A 507 8.44 5.34 -19.79
N ILE A 508 8.13 6.49 -19.21
CA ILE A 508 7.17 7.40 -19.81
C ILE A 508 8.02 8.33 -20.71
N THR A 509 7.81 8.24 -22.02
CA THR A 509 8.78 8.82 -22.97
C THR A 509 8.28 10.12 -23.54
N ASP A 510 9.20 10.96 -23.96
CA ASP A 510 8.85 12.29 -24.45
C ASP A 510 8.53 12.38 -25.96
CU CU B . 1.95 -10.97 -6.87
CU CU C . 3.64 1.22 -2.34
CU CU D . 6.37 0.59 -6.03
CU CU E . 3.90 3.39 -5.89
O OH F . 3.16 5.24 -6.63
O1 PER G . 5.37 0.73 -4.44
O2 PER G . 4.47 1.73 -5.05
N1 EPE H . -13.41 20.22 14.55
C2 EPE H . -13.13 20.03 16.00
C3 EPE H . -12.10 21.01 16.60
N4 EPE H . -10.96 21.23 15.71
C5 EPE H . -11.23 21.41 14.29
C6 EPE H . -12.18 20.35 13.74
C7 EPE H . -9.78 21.88 16.28
C8 EPE H . -8.60 20.94 16.52
O8 EPE H . -7.97 20.57 15.31
C9 EPE H . -14.18 19.05 14.08
C10 EPE H . -14.95 19.43 12.83
S EPE H . -16.22 18.24 12.30
O1S EPE H . -16.90 18.89 11.18
O2S EPE H . -15.62 16.95 11.88
O3S EPE H . -17.22 18.11 13.39
C1 MPD I . 14.24 22.29 -0.12
C2 MPD I . 15.47 22.96 0.49
O2 MPD I . 15.77 24.07 -0.40
CM MPD I . 16.65 22.00 0.52
C3 MPD I . 15.14 23.49 1.90
C4 MPD I . 16.32 24.16 2.63
O4 MPD I . 16.82 25.23 1.87
C5 MPD I . 15.93 24.64 4.03
C1 MPD J . 21.48 21.32 2.09
C2 MPD J . 20.28 20.42 2.34
O2 MPD J . 20.74 19.08 2.57
CM MPD J . 19.49 20.53 1.07
C3 MPD J . 19.43 20.88 3.50
C4 MPD J . 20.20 21.80 4.43
O4 MPD J . 19.39 22.89 4.79
C5 MPD J . 20.59 21.12 5.73
#